data_6KJR
#
_entry.id   6KJR
#
_cell.length_a   117.947
_cell.length_b   117.947
_cell.length_c   52.222
_cell.angle_alpha   90.000
_cell.angle_beta   90.000
_cell.angle_gamma   90.000
#
_symmetry.space_group_name_H-M   'P 4 21 2'
#
loop_
_entity.id
_entity.type
_entity.pdbx_description
1 polymer 'Putative beta-lactamase'
2 non-polymer '4-[[(3~{E},5~{Z},8~{S},9~{E},11~{E},14~{S},16~{R},17~{Z},19~{E},24~{R})-24-methyl-14,16-bis(oxidanyl)-2-oxidanylidene-1-oxacyclotetracosa-3,5,9,11,17,19-hexaen-8-yl]oxy]-4-oxidanylidene-butanoic acid'
3 water water
#
_entity_poly.entity_id   1
_entity_poly.type   'polypeptide(L)'
_entity_poly.pdbx_seq_one_letter_code
;MGSSHHHHHHSSGLVPRGSHMKQTISNPAFDMKQINALNGHYQTMIDNGDLQCASYMMSRGGEVFAAESLGEFTGGQKEK
QTFQLDTIREIGALTKVFTAVAVMQLVEKGLLDLKMPVKLILPAFDKPGFGEIKILHLLTHTAGLSFELDIQKAEGIDLT
NEEEWINYLVSTPLEYGVDEAWNYSRTGFVILGIIISKVTGVSYEQYVTKHIIEALGLERTYFYVPDTLKEEVCVISEHE
CVQLEKSHHPYFPNKATSGLYSSLRDIWKLAEMFRNKGRLKDKKLLGRKTVEAMLRNQIKPGLPFYFFGAPREEGGFGLG
INLWPAGDHYFMTEGTFSHLGMGWCGMFSDPAEDFTYVFFTPISEFHPHAVLTPLNIVWAGIELEHHHHHH
;
_entity_poly.pdbx_strand_id   A
#
# COMPACT_ATOMS: atom_id res chain seq x y z
N ASN A 27 12.20 1.38 -28.51
CA ASN A 27 10.83 1.82 -28.26
C ASN A 27 10.65 2.42 -26.85
N PRO A 28 11.01 1.70 -25.78
CA PRO A 28 10.81 2.26 -24.43
C PRO A 28 11.88 3.26 -24.02
N ALA A 29 12.94 3.44 -24.80
CA ALA A 29 14.01 4.37 -24.51
C ALA A 29 14.61 4.11 -23.12
N PHE A 30 15.18 2.91 -22.98
CA PHE A 30 15.76 2.47 -21.72
C PHE A 30 17.07 1.77 -22.00
N ASP A 31 18.12 2.14 -21.25
CA ASP A 31 19.42 1.51 -21.38
C ASP A 31 19.36 0.09 -20.82
N MET A 32 19.38 -0.91 -21.71
CA MET A 32 19.23 -2.29 -21.29
C MET A 32 20.41 -2.78 -20.45
N LYS A 33 21.53 -2.06 -20.44
CA LYS A 33 22.63 -2.42 -19.56
C LYS A 33 22.23 -2.33 -18.10
N GLN A 34 21.26 -1.47 -17.78
CA GLN A 34 20.76 -1.36 -16.41
C GLN A 34 19.85 -2.51 -16.03
N ILE A 35 19.23 -3.17 -17.01
CA ILE A 35 18.47 -4.39 -16.71
C ILE A 35 19.42 -5.49 -16.24
N ASN A 36 20.56 -5.65 -16.92
CA ASN A 36 21.56 -6.61 -16.48
C ASN A 36 22.09 -6.26 -15.10
N ALA A 37 22.31 -4.96 -14.83
CA ALA A 37 22.73 -4.53 -13.50
C ALA A 37 21.65 -4.81 -12.47
N LEU A 38 20.38 -4.64 -12.85
CA LEU A 38 19.28 -4.91 -11.94
C LEU A 38 19.16 -6.40 -11.64
N ASN A 39 19.18 -7.23 -12.69
CA ASN A 39 19.12 -8.67 -12.50
C ASN A 39 20.30 -9.17 -11.66
N GLY A 40 21.51 -8.71 -11.99
CA GLY A 40 22.68 -9.10 -11.23
C GLY A 40 22.65 -8.63 -9.80
N HIS A 41 21.99 -7.50 -9.53
CA HIS A 41 21.87 -7.02 -8.16
C HIS A 41 20.96 -7.94 -7.35
N TYR A 42 19.78 -8.26 -7.88
CA TYR A 42 18.87 -9.15 -7.18
C TYR A 42 19.45 -10.56 -7.06
N GLN A 43 20.11 -11.05 -8.12
CA GLN A 43 20.64 -12.40 -8.10
C GLN A 43 21.78 -12.55 -7.10
N THR A 44 22.57 -11.51 -6.89
CA THR A 44 23.66 -11.57 -5.92
C THR A 44 23.12 -11.72 -4.50
N MET A 45 22.04 -11.00 -4.18
CA MET A 45 21.46 -11.10 -2.85
C MET A 45 20.86 -12.49 -2.62
N ILE A 46 20.25 -13.07 -3.64
CA ILE A 46 19.70 -14.42 -3.53
C ILE A 46 20.83 -15.43 -3.35
N ASP A 47 21.95 -15.22 -4.05
CA ASP A 47 23.09 -16.13 -3.92
C ASP A 47 23.74 -16.00 -2.55
N ASN A 48 23.81 -14.78 -2.01
CA ASN A 48 24.42 -14.57 -0.71
C ASN A 48 23.52 -15.03 0.44
N GLY A 49 22.24 -15.24 0.18
CA GLY A 49 21.34 -15.78 1.18
C GLY A 49 20.42 -14.78 1.85
N ASP A 50 20.53 -13.49 1.55
CA ASP A 50 19.69 -12.47 2.15
C ASP A 50 18.47 -12.13 1.30
N LEU A 51 18.02 -13.06 0.49
CA LEU A 51 16.83 -12.89 -0.34
C LEU A 51 16.41 -14.24 -0.88
N GLN A 52 15.18 -14.66 -0.61
CA GLN A 52 14.69 -15.90 -1.18
C GLN A 52 14.36 -15.73 -2.65
N CYS A 53 13.65 -14.65 -2.98
CA CYS A 53 13.16 -14.44 -4.34
C CYS A 53 13.12 -12.95 -4.63
N ALA A 54 12.80 -12.62 -5.89
CA ALA A 54 12.74 -11.24 -6.35
C ALA A 54 12.07 -11.22 -7.71
N SER A 55 11.27 -10.19 -7.95
CA SER A 55 10.61 -10.01 -9.24
C SER A 55 10.28 -8.54 -9.41
N TYR A 56 10.21 -8.11 -10.67
CA TYR A 56 9.92 -6.71 -10.97
C TYR A 56 9.23 -6.62 -12.32
N MET A 57 8.75 -5.41 -12.62
CA MET A 57 8.02 -5.13 -13.84
C MET A 57 8.04 -3.63 -14.06
N MET A 58 8.53 -3.20 -15.22
CA MET A 58 8.65 -1.77 -15.52
C MET A 58 8.05 -1.49 -16.89
N SER A 59 7.56 -0.25 -17.06
CA SER A 59 6.82 0.11 -18.25
C SER A 59 7.15 1.53 -18.67
N ARG A 60 7.00 1.78 -19.98
CA ARG A 60 7.13 3.12 -20.55
C ARG A 60 5.90 3.39 -21.39
N GLY A 61 5.19 4.48 -21.07
CA GLY A 61 4.00 4.82 -21.82
C GLY A 61 2.89 3.79 -21.71
N GLY A 62 2.82 3.06 -20.59
CA GLY A 62 1.79 2.07 -20.40
C GLY A 62 2.07 0.71 -20.98
N GLU A 63 3.30 0.47 -21.44
CA GLU A 63 3.66 -0.81 -22.06
C GLU A 63 4.87 -1.39 -21.35
N VAL A 64 4.70 -2.60 -20.80
CA VAL A 64 5.80 -3.27 -20.11
C VAL A 64 6.85 -3.70 -21.12
N PHE A 65 8.10 -3.29 -20.88
CA PHE A 65 9.21 -3.68 -21.73
C PHE A 65 10.24 -4.58 -21.05
N ALA A 66 10.24 -4.64 -19.71
CA ALA A 66 11.14 -5.51 -18.98
C ALA A 66 10.42 -6.03 -17.75
N ALA A 67 10.56 -7.34 -17.51
CA ALA A 67 9.94 -7.98 -16.35
C ALA A 67 10.63 -9.32 -16.14
N GLU A 68 11.03 -9.60 -14.90
CA GLU A 68 11.77 -10.82 -14.60
C GLU A 68 11.47 -11.24 -13.17
N SER A 69 11.53 -12.55 -12.94
CA SER A 69 11.40 -13.13 -11.61
C SER A 69 12.62 -14.00 -11.34
N LEU A 70 13.10 -13.96 -10.10
CA LEU A 70 14.33 -14.65 -9.73
C LEU A 70 14.14 -15.43 -8.44
N GLY A 71 14.91 -16.51 -8.30
CA GLY A 71 14.94 -17.28 -7.07
C GLY A 71 13.73 -18.17 -6.89
N GLU A 72 13.70 -18.81 -5.72
CA GLU A 72 12.61 -19.68 -5.31
C GLU A 72 12.22 -19.35 -3.88
N PHE A 73 11.09 -19.90 -3.44
CA PHE A 73 10.58 -19.61 -2.11
C PHE A 73 10.13 -20.89 -1.43
N THR A 74 10.12 -20.84 -0.09
CA THR A 74 9.59 -21.92 0.72
C THR A 74 9.05 -21.32 2.01
N GLY A 75 7.92 -21.85 2.48
CA GLY A 75 7.35 -21.39 3.73
C GLY A 75 7.95 -22.07 4.94
N GLY A 76 9.18 -22.54 4.80
CA GLY A 76 9.85 -23.23 5.88
C GLY A 76 9.31 -24.60 6.23
N GLN A 77 8.22 -25.03 5.59
CA GLN A 77 7.65 -26.35 5.80
C GLN A 77 7.73 -27.24 4.58
N LYS A 78 8.31 -26.77 3.48
CA LYS A 78 8.40 -27.52 2.24
C LYS A 78 9.79 -27.42 1.62
N GLU A 79 9.84 -27.57 0.30
CA GLU A 79 11.02 -27.36 -0.53
C GLU A 79 10.71 -26.26 -1.52
N LYS A 80 11.76 -25.73 -2.15
CA LYS A 80 11.64 -24.54 -2.96
C LYS A 80 10.80 -24.77 -4.22
N GLN A 81 9.97 -23.78 -4.55
CA GLN A 81 9.27 -23.72 -5.83
C GLN A 81 9.57 -22.40 -6.52
N THR A 82 9.48 -22.40 -7.85
CA THR A 82 9.95 -21.27 -8.63
C THR A 82 9.09 -20.03 -8.42
N PHE A 83 9.74 -18.91 -8.15
CA PHE A 83 9.07 -17.62 -8.10
C PHE A 83 8.79 -17.14 -9.52
N GLN A 84 7.54 -16.81 -9.82
CA GLN A 84 7.12 -16.44 -11.15
C GLN A 84 6.53 -15.04 -11.16
N LEU A 85 6.33 -14.51 -12.37
CA LEU A 85 5.83 -13.15 -12.53
C LEU A 85 4.37 -13.02 -12.10
N ASP A 86 3.59 -14.09 -12.20
CA ASP A 86 2.19 -14.08 -11.79
C ASP A 86 1.98 -14.70 -10.41
N THR A 87 3.05 -14.95 -9.67
CA THR A 87 2.92 -15.50 -8.33
C THR A 87 2.19 -14.53 -7.42
N ILE A 88 1.21 -15.05 -6.69
CA ILE A 88 0.43 -14.23 -5.77
C ILE A 88 1.20 -14.07 -4.46
N ARG A 89 1.14 -12.87 -3.89
CA ARG A 89 1.85 -12.58 -2.65
C ARG A 89 1.16 -11.43 -1.93
N GLU A 90 1.16 -11.50 -0.60
CA GLU A 90 0.64 -10.41 0.22
C GLU A 90 1.40 -9.12 -0.09
N ILE A 91 0.67 -8.01 -0.17
CA ILE A 91 1.25 -6.72 -0.51
C ILE A 91 1.35 -5.79 0.70
N GLY A 92 0.83 -6.20 1.85
CA GLY A 92 1.04 -5.42 3.06
C GLY A 92 0.42 -4.03 2.96
N ALA A 93 1.24 -3.02 3.28
CA ALA A 93 0.77 -1.65 3.35
C ALA A 93 0.24 -1.13 2.03
N LEU A 94 0.56 -1.80 0.91
CA LEU A 94 -0.03 -1.42 -0.37
C LEU A 94 -1.54 -1.49 -0.37
N THR A 95 -2.12 -2.27 0.56
CA THR A 95 -3.57 -2.29 0.72
C THR A 95 -4.12 -0.90 1.03
N LYS A 96 -3.33 -0.06 1.71
CA LYS A 96 -3.78 1.29 2.03
C LYS A 96 -4.12 2.08 0.78
N VAL A 97 -3.45 1.81 -0.33
CA VAL A 97 -3.75 2.50 -1.58
C VAL A 97 -5.13 2.12 -2.09
N PHE A 98 -5.51 0.85 -1.95
CA PHE A 98 -6.87 0.43 -2.30
C PHE A 98 -7.88 1.15 -1.42
N THR A 99 -7.62 1.20 -0.11
CA THR A 99 -8.52 1.90 0.81
C THR A 99 -8.63 3.38 0.47
N ALA A 100 -7.51 3.99 0.05
CA ALA A 100 -7.53 5.40 -0.33
C ALA A 100 -8.42 5.62 -1.54
N VAL A 101 -8.29 4.77 -2.55
CA VAL A 101 -9.13 4.87 -3.74
C VAL A 101 -10.61 4.73 -3.38
N ALA A 102 -10.91 3.79 -2.49
CA ALA A 102 -12.31 3.57 -2.09
C ALA A 102 -12.88 4.80 -1.40
N VAL A 103 -12.11 5.44 -0.52
CA VAL A 103 -12.58 6.64 0.16
C VAL A 103 -12.85 7.75 -0.85
N MET A 104 -11.93 7.94 -1.80
CA MET A 104 -12.09 9.00 -2.78
C MET A 104 -13.23 8.73 -3.75
N GLN A 105 -13.52 7.45 -4.01
CA GLN A 105 -14.69 7.13 -4.83
C GLN A 105 -15.98 7.56 -4.14
N LEU A 106 -16.02 7.44 -2.81
CA LEU A 106 -17.22 7.84 -2.07
C LEU A 106 -17.34 9.36 -1.99
N VAL A 107 -16.22 10.08 -2.06
CA VAL A 107 -16.27 11.53 -2.12
C VAL A 107 -16.81 11.99 -3.46
N GLU A 108 -16.44 11.30 -4.54
CA GLU A 108 -16.99 11.62 -5.86
C GLU A 108 -18.50 11.44 -5.89
N LYS A 109 -19.02 10.46 -5.15
CA LYS A 109 -20.46 10.20 -5.11
C LYS A 109 -21.21 11.13 -4.19
N GLY A 110 -20.52 11.92 -3.36
CA GLY A 110 -21.18 12.80 -2.42
C GLY A 110 -21.58 12.15 -1.12
N LEU A 111 -21.15 10.91 -0.88
CA LEU A 111 -21.46 10.22 0.38
C LEU A 111 -20.46 10.54 1.48
N LEU A 112 -19.28 11.04 1.14
CA LEU A 112 -18.28 11.44 2.11
C LEU A 112 -17.70 12.79 1.73
N ASP A 113 -17.16 13.48 2.73
CA ASP A 113 -16.36 14.68 2.50
C ASP A 113 -15.09 14.57 3.34
N LEU A 114 -13.99 15.06 2.79
CA LEU A 114 -12.71 14.91 3.47
C LEU A 114 -12.67 15.68 4.79
N LYS A 115 -13.43 16.76 4.90
CA LYS A 115 -13.50 17.55 6.12
C LYS A 115 -14.58 17.06 7.08
N MET A 116 -15.21 15.93 6.79
CA MET A 116 -16.17 15.35 7.71
C MET A 116 -15.45 14.91 8.99
N PRO A 117 -15.93 15.30 10.17
CA PRO A 117 -15.40 14.70 11.40
C PRO A 117 -15.83 13.25 11.49
N VAL A 118 -14.92 12.40 11.97
CA VAL A 118 -15.19 10.97 12.06
C VAL A 118 -16.37 10.71 12.99
N LYS A 119 -16.55 11.55 14.01
CA LYS A 119 -17.65 11.36 14.95
C LYS A 119 -19.01 11.45 14.28
N LEU A 120 -19.10 12.10 13.11
CA LEU A 120 -20.35 12.12 12.37
C LEU A 120 -20.73 10.74 11.88
N ILE A 121 -19.75 9.93 11.50
CA ILE A 121 -19.99 8.57 11.03
C ILE A 121 -19.92 7.57 12.16
N LEU A 122 -18.88 7.68 12.99
CA LEU A 122 -18.69 6.79 14.14
C LEU A 122 -18.95 7.57 15.42
N PRO A 123 -20.14 7.48 16.01
CA PRO A 123 -20.46 8.33 17.17
C PRO A 123 -19.58 8.11 18.38
N ALA A 124 -18.82 7.01 18.44
CA ALA A 124 -17.91 6.80 19.54
C ALA A 124 -16.75 7.79 19.55
N PHE A 125 -16.53 8.52 18.46
CA PHE A 125 -15.47 9.52 18.40
C PHE A 125 -15.89 10.86 18.96
N ASP A 126 -17.15 11.02 19.39
CA ASP A 126 -17.63 12.29 19.93
C ASP A 126 -17.19 12.42 21.38
N LYS A 127 -15.90 12.69 21.56
CA LYS A 127 -15.29 12.86 22.87
C LYS A 127 -14.07 13.75 22.70
N PRO A 128 -13.55 14.31 23.79
CA PRO A 128 -12.36 15.16 23.69
C PRO A 128 -11.20 14.43 23.03
N GLY A 129 -10.58 15.08 22.04
CA GLY A 129 -9.49 14.49 21.30
C GLY A 129 -9.94 13.85 20.00
N PHE A 130 -10.80 12.83 20.11
CA PHE A 130 -11.24 12.11 18.92
C PHE A 130 -12.26 12.91 18.12
N GLY A 131 -13.01 13.79 18.77
CA GLY A 131 -14.00 14.60 18.08
C GLY A 131 -13.43 15.57 17.07
N GLU A 132 -12.12 15.82 17.13
CA GLU A 132 -11.46 16.73 16.20
C GLU A 132 -10.88 16.01 14.99
N ILE A 133 -10.95 14.68 14.95
CA ILE A 133 -10.36 13.93 13.85
C ILE A 133 -11.30 13.93 12.66
N LYS A 134 -10.79 14.34 11.50
CA LYS A 134 -11.53 14.34 10.25
C LYS A 134 -10.97 13.28 9.32
N ILE A 135 -11.77 12.92 8.31
CA ILE A 135 -11.37 11.90 7.34
C ILE A 135 -10.05 12.29 6.67
N LEU A 136 -9.86 13.59 6.42
CA LEU A 136 -8.62 14.05 5.82
C LEU A 136 -7.41 13.69 6.65
N HIS A 137 -7.54 13.77 7.99
CA HIS A 137 -6.42 13.42 8.87
C HIS A 137 -6.05 11.96 8.74
N LEU A 138 -7.04 11.08 8.62
CA LEU A 138 -6.76 9.64 8.50
C LEU A 138 -6.04 9.33 7.21
N LEU A 139 -6.44 9.95 6.10
CA LEU A 139 -5.82 9.69 4.81
C LEU A 139 -4.37 10.14 4.78
N THR A 140 -4.04 11.22 5.50
CA THR A 140 -2.72 11.83 5.44
C THR A 140 -1.87 11.51 6.66
N HIS A 141 -2.34 10.63 7.54
CA HIS A 141 -1.58 10.21 8.73
C HIS A 141 -1.25 11.38 9.64
N THR A 142 -2.19 12.32 9.75
CA THR A 142 -2.03 13.48 10.63
C THR A 142 -3.11 13.54 11.70
N ALA A 143 -3.77 12.41 11.97
CA ALA A 143 -4.85 12.38 12.96
C ALA A 143 -4.34 12.30 14.39
N GLY A 144 -3.02 12.17 14.59
CA GLY A 144 -2.46 12.01 15.92
C GLY A 144 -2.52 10.61 16.48
N LEU A 145 -2.95 9.63 15.69
CA LEU A 145 -3.07 8.26 16.19
C LEU A 145 -1.70 7.63 16.34
N SER A 146 -1.61 6.67 17.27
CA SER A 146 -0.40 5.87 17.42
C SER A 146 -0.19 5.04 16.17
N PHE A 147 1.02 4.46 16.06
CA PHE A 147 1.33 3.59 14.94
C PHE A 147 0.36 2.41 14.88
N GLU A 148 -0.02 1.88 16.04
CA GLU A 148 -0.94 0.74 16.08
C GLU A 148 -1.56 0.65 17.47
N LEU A 149 -2.56 -0.20 17.59
CA LEU A 149 -3.26 -0.44 18.83
C LEU A 149 -2.65 -1.63 19.55
N ASP A 150 -3.04 -1.80 20.81
CA ASP A 150 -2.51 -2.88 21.64
C ASP A 150 -3.41 -4.10 21.59
N ILE A 151 -2.80 -5.27 21.39
CA ILE A 151 -3.53 -6.53 21.51
C ILE A 151 -3.37 -7.15 22.90
N GLN A 152 -2.36 -6.76 23.67
CA GLN A 152 -2.15 -7.33 24.99
C GLN A 152 -3.17 -6.81 25.99
N LYS A 153 -3.35 -5.49 26.05
CA LYS A 153 -4.30 -4.86 26.97
C LYS A 153 -5.76 -5.12 26.61
N ALA A 154 -6.03 -5.81 25.49
CA ALA A 154 -7.40 -6.08 25.06
C ALA A 154 -7.91 -7.40 25.63
N GLU A 155 -7.86 -7.55 26.95
CA GLU A 155 -8.33 -8.76 27.60
C GLU A 155 -9.85 -8.86 27.48
N GLY A 156 -10.33 -9.98 26.94
CA GLY A 156 -11.76 -10.18 26.78
C GLY A 156 -12.40 -9.33 25.71
N ILE A 157 -11.60 -8.74 24.82
CA ILE A 157 -12.11 -7.88 23.76
C ILE A 157 -11.88 -8.58 22.43
N ASP A 158 -12.92 -8.66 21.60
CA ASP A 158 -12.82 -9.23 20.27
C ASP A 158 -12.28 -8.16 19.33
N LEU A 159 -10.98 -8.21 19.06
CA LEU A 159 -10.36 -7.19 18.22
C LEU A 159 -10.80 -7.28 16.77
N THR A 160 -11.34 -8.42 16.35
CA THR A 160 -11.93 -8.54 15.02
C THR A 160 -13.38 -8.09 14.97
N ASN A 161 -14.00 -7.83 16.13
CA ASN A 161 -15.34 -7.27 16.17
C ASN A 161 -15.27 -5.76 16.06
N GLU A 162 -16.08 -5.20 15.16
CA GLU A 162 -15.99 -3.78 14.85
C GLU A 162 -16.54 -2.89 15.96
N GLU A 163 -17.61 -3.33 16.64
CA GLU A 163 -18.19 -2.52 17.70
C GLU A 163 -17.28 -2.46 18.93
N GLU A 164 -16.50 -3.51 19.16
CA GLU A 164 -15.60 -3.56 20.31
C GLU A 164 -14.24 -2.94 20.01
N TRP A 165 -13.74 -3.09 18.78
CA TRP A 165 -12.45 -2.50 18.43
C TRP A 165 -12.52 -0.98 18.44
N ILE A 166 -13.66 -0.41 18.06
CA ILE A 166 -13.81 1.04 18.08
C ILE A 166 -13.88 1.54 19.53
N ASN A 167 -14.66 0.87 20.36
CA ASN A 167 -14.77 1.28 21.76
C ASN A 167 -13.44 1.16 22.49
N TYR A 168 -12.70 0.08 22.22
CA TYR A 168 -11.37 -0.06 22.80
C TYR A 168 -10.42 1.00 22.27
N LEU A 169 -10.65 1.48 21.06
CA LEU A 169 -9.78 2.50 20.48
C LEU A 169 -9.94 3.84 21.20
N VAL A 170 -11.19 4.29 21.35
CA VAL A 170 -11.44 5.60 21.94
C VAL A 170 -11.18 5.64 23.44
N SER A 171 -10.95 4.48 24.07
CA SER A 171 -10.53 4.44 25.46
C SER A 171 -9.02 4.50 25.61
N THR A 172 -8.29 4.64 24.50
CA THR A 172 -6.84 4.77 24.49
C THR A 172 -6.47 6.22 24.19
N PRO A 173 -5.59 6.83 24.97
CA PRO A 173 -5.23 8.23 24.72
C PRO A 173 -4.48 8.40 23.41
N LEU A 174 -4.73 9.54 22.75
CA LEU A 174 -4.08 9.84 21.49
C LEU A 174 -2.64 10.27 21.71
N GLU A 175 -1.79 9.99 20.71
CA GLU A 175 -0.38 10.32 20.83
C GLU A 175 -0.11 11.80 20.55
N TYR A 176 -0.77 12.36 19.54
CA TYR A 176 -0.66 13.78 19.21
C TYR A 176 -2.06 14.35 19.01
N GLY A 177 -2.12 15.68 18.93
CA GLY A 177 -3.30 16.33 18.43
C GLY A 177 -3.34 16.29 16.91
N VAL A 178 -4.49 16.67 16.36
CA VAL A 178 -4.64 16.65 14.91
C VAL A 178 -3.72 17.70 14.28
N ASP A 179 -3.19 17.37 13.10
CA ASP A 179 -2.34 18.27 12.33
C ASP A 179 -1.13 18.73 13.13
N GLU A 180 -0.63 17.88 14.03
CA GLU A 180 0.57 18.18 14.79
C GLU A 180 1.82 17.51 14.22
N ALA A 181 1.66 16.36 13.57
CA ALA A 181 2.80 15.65 13.00
C ALA A 181 2.30 14.59 12.04
N TRP A 182 3.13 14.27 11.06
CA TRP A 182 2.89 13.10 10.20
C TRP A 182 3.38 11.87 10.95
N ASN A 183 2.45 11.04 11.39
CA ASN A 183 2.77 9.80 12.11
C ASN A 183 2.08 8.66 11.38
N TYR A 184 2.87 7.88 10.63
CA TYR A 184 2.35 6.72 9.93
C TYR A 184 1.66 5.77 10.91
N SER A 185 0.42 5.41 10.61
CA SER A 185 -0.42 4.68 11.55
C SER A 185 -1.23 3.63 10.79
N ARG A 186 -1.02 2.36 11.12
CA ARG A 186 -1.89 1.31 10.62
C ARG A 186 -3.32 1.54 11.07
N THR A 187 -3.50 2.13 12.25
CA THR A 187 -4.82 2.28 12.84
C THR A 187 -5.71 3.21 12.02
N GLY A 188 -5.12 4.27 11.45
CA GLY A 188 -5.92 5.26 10.76
C GLY A 188 -6.70 4.69 9.59
N PHE A 189 -6.12 3.72 8.89
CA PHE A 189 -6.77 3.15 7.72
C PHE A 189 -7.71 2.02 8.04
N VAL A 190 -7.57 1.40 9.22
CA VAL A 190 -8.62 0.50 9.70
C VAL A 190 -9.90 1.29 9.96
N ILE A 191 -9.76 2.50 10.51
CA ILE A 191 -10.91 3.36 10.73
C ILE A 191 -11.54 3.75 9.40
N LEU A 192 -10.71 4.04 8.40
CA LEU A 192 -11.24 4.35 7.07
C LEU A 192 -12.03 3.18 6.50
N GLY A 193 -11.56 1.95 6.73
CA GLY A 193 -12.28 0.79 6.26
C GLY A 193 -13.63 0.63 6.95
N ILE A 194 -13.73 1.03 8.21
CA ILE A 194 -15.01 1.00 8.90
C ILE A 194 -15.95 2.07 8.35
N ILE A 195 -15.42 3.25 8.07
CA ILE A 195 -16.23 4.33 7.50
C ILE A 195 -16.79 3.91 6.15
N ILE A 196 -15.96 3.29 5.31
CA ILE A 196 -16.43 2.76 4.03
C ILE A 196 -17.58 1.78 4.26
N SER A 197 -17.44 0.91 5.26
CA SER A 197 -18.46 -0.10 5.52
C SER A 197 -19.77 0.53 5.94
N LYS A 198 -19.73 1.58 6.76
CA LYS A 198 -20.94 2.20 7.28
C LYS A 198 -21.63 3.08 6.24
N VAL A 199 -20.91 3.57 5.25
CA VAL A 199 -21.49 4.45 4.24
C VAL A 199 -22.15 3.65 3.12
N THR A 200 -21.57 2.52 2.75
CA THR A 200 -21.99 1.77 1.58
C THR A 200 -22.99 0.67 1.89
N GLY A 201 -23.20 0.32 3.15
CA GLY A 201 -24.10 -0.76 3.50
C GLY A 201 -23.54 -2.15 3.28
N VAL A 202 -22.29 -2.28 2.85
CA VAL A 202 -21.64 -3.56 2.66
C VAL A 202 -20.31 -3.53 3.40
N SER A 203 -19.67 -4.70 3.48
CA SER A 203 -18.38 -4.79 4.15
C SER A 203 -17.32 -4.06 3.33
N TYR A 204 -16.23 -3.71 4.00
CA TYR A 204 -15.11 -3.05 3.31
C TYR A 204 -14.57 -3.92 2.20
N GLU A 205 -14.40 -5.22 2.47
CA GLU A 205 -13.84 -6.13 1.48
C GLU A 205 -14.77 -6.26 0.27
N GLN A 206 -16.09 -6.24 0.52
CA GLN A 206 -17.03 -6.32 -0.59
C GLN A 206 -16.95 -5.10 -1.50
N TYR A 207 -16.87 -3.91 -0.90
CA TYR A 207 -16.82 -2.69 -1.71
C TYR A 207 -15.57 -2.65 -2.56
N VAL A 208 -14.40 -2.89 -1.95
CA VAL A 208 -13.14 -2.83 -2.69
C VAL A 208 -13.11 -3.88 -3.78
N THR A 209 -13.56 -5.10 -3.47
CA THR A 209 -13.61 -6.15 -4.48
C THR A 209 -14.46 -5.73 -5.67
N LYS A 210 -15.64 -5.17 -5.41
CA LYS A 210 -16.55 -4.82 -6.50
C LYS A 210 -16.06 -3.58 -7.26
N HIS A 211 -15.81 -2.48 -6.54
CA HIS A 211 -15.61 -1.19 -7.16
C HIS A 211 -14.16 -0.86 -7.47
N ILE A 212 -13.21 -1.75 -7.14
CA ILE A 212 -11.81 -1.51 -7.44
C ILE A 212 -11.19 -2.73 -8.11
N ILE A 213 -11.25 -3.87 -7.43
CA ILE A 213 -10.57 -5.06 -7.93
C ILE A 213 -11.19 -5.53 -9.24
N GLU A 214 -12.50 -5.77 -9.26
CA GLU A 214 -13.16 -6.18 -10.50
C GLU A 214 -13.37 -5.02 -11.46
N ALA A 215 -13.52 -3.80 -10.94
CA ALA A 215 -13.74 -2.65 -11.83
C ALA A 215 -12.48 -2.31 -12.62
N LEU A 216 -11.31 -2.40 -11.99
CA LEU A 216 -10.05 -2.22 -12.71
C LEU A 216 -9.62 -3.47 -13.46
N GLY A 217 -10.28 -4.60 -13.23
CA GLY A 217 -9.94 -5.81 -13.95
C GLY A 217 -8.75 -6.56 -13.40
N LEU A 218 -8.52 -6.51 -12.09
CA LEU A 218 -7.42 -7.25 -11.49
C LEU A 218 -7.78 -8.73 -11.44
N GLU A 219 -6.91 -9.56 -12.04
CA GLU A 219 -7.22 -10.98 -12.20
C GLU A 219 -6.66 -11.85 -11.10
N ARG A 220 -5.65 -11.39 -10.37
CA ARG A 220 -4.99 -12.20 -9.33
C ARG A 220 -4.85 -11.40 -8.05
N THR A 221 -5.94 -10.76 -7.64
CA THR A 221 -5.97 -9.96 -6.41
C THR A 221 -7.16 -10.41 -5.58
N TYR A 222 -6.90 -10.83 -4.33
CA TYR A 222 -7.94 -11.33 -3.45
C TYR A 222 -7.65 -10.88 -2.03
N PHE A 223 -8.70 -10.55 -1.28
CA PHE A 223 -8.56 -10.43 0.16
C PHE A 223 -8.37 -11.80 0.80
N TYR A 224 -8.92 -12.85 0.17
CA TYR A 224 -8.73 -14.22 0.63
C TYR A 224 -8.55 -15.10 -0.59
N VAL A 225 -7.38 -15.71 -0.71
CA VAL A 225 -7.04 -16.50 -1.89
C VAL A 225 -7.94 -17.72 -1.96
N PRO A 226 -8.57 -18.01 -3.10
CA PRO A 226 -9.32 -19.26 -3.22
C PRO A 226 -8.42 -20.47 -3.03
N ASP A 227 -9.04 -21.58 -2.62
CA ASP A 227 -8.28 -22.76 -2.26
C ASP A 227 -7.54 -23.37 -3.45
N THR A 228 -8.08 -23.22 -4.66
CA THR A 228 -7.38 -23.72 -5.84
C THR A 228 -6.17 -22.88 -6.22
N LEU A 229 -5.88 -21.81 -5.48
CA LEU A 229 -4.74 -20.95 -5.75
C LEU A 229 -3.80 -20.80 -4.56
N LYS A 230 -4.10 -21.42 -3.42
CA LYS A 230 -3.27 -21.25 -2.23
C LYS A 230 -1.87 -21.81 -2.44
N GLU A 231 -1.76 -22.93 -3.16
CA GLU A 231 -0.45 -23.50 -3.44
C GLU A 231 0.37 -22.61 -4.36
N GLU A 232 -0.25 -21.65 -5.02
CA GLU A 232 0.43 -20.71 -5.91
C GLU A 232 0.85 -19.43 -5.21
N VAL A 233 0.65 -19.35 -3.90
CA VAL A 233 1.00 -18.16 -3.13
C VAL A 233 2.41 -18.32 -2.60
N CYS A 234 3.22 -17.27 -2.76
CA CYS A 234 4.58 -17.26 -2.24
C CYS A 234 4.56 -16.94 -0.75
N VAL A 235 4.95 -17.91 0.08
CA VAL A 235 5.07 -17.72 1.52
C VAL A 235 6.50 -18.06 1.92
N ILE A 236 7.04 -17.28 2.85
CA ILE A 236 8.43 -17.45 3.28
C ILE A 236 8.52 -17.74 4.78
N SER A 237 7.40 -18.05 5.43
CA SER A 237 7.40 -18.37 6.84
C SER A 237 6.13 -19.15 7.16
N GLU A 238 6.16 -19.86 8.29
CA GLU A 238 4.98 -20.60 8.71
C GLU A 238 3.83 -19.65 9.04
N HIS A 239 4.13 -18.51 9.65
CA HIS A 239 3.10 -17.53 9.96
C HIS A 239 2.35 -17.10 8.70
N GLU A 240 3.05 -17.03 7.56
CA GLU A 240 2.39 -16.67 6.31
C GLU A 240 1.51 -17.81 5.81
N CYS A 241 1.95 -19.06 6.00
CA CYS A 241 1.08 -20.19 5.70
C CYS A 241 -0.15 -20.21 6.59
N VAL A 242 0.03 -19.94 7.88
CA VAL A 242 -1.10 -19.91 8.81
C VAL A 242 -2.09 -18.82 8.40
N GLN A 243 -1.57 -17.62 8.10
CA GLN A 243 -2.45 -16.51 7.73
C GLN A 243 -3.12 -16.74 6.38
N LEU A 244 -2.50 -17.52 5.50
CA LEU A 244 -3.09 -17.80 4.20
C LEU A 244 -4.39 -18.60 4.34
N GLU A 245 -4.51 -19.40 5.39
CA GLU A 245 -5.72 -20.19 5.62
C GLU A 245 -6.74 -19.48 6.49
N LYS A 246 -6.40 -18.33 7.07
CA LYS A 246 -7.28 -17.63 7.98
C LYS A 246 -8.41 -16.94 7.22
N SER A 247 -9.57 -16.85 7.88
CA SER A 247 -10.75 -16.24 7.27
C SER A 247 -10.89 -14.75 7.59
N HIS A 248 -10.18 -14.25 8.60
CA HIS A 248 -10.25 -12.85 9.00
C HIS A 248 -8.84 -12.35 9.27
N HIS A 249 -8.75 -11.05 9.56
CA HIS A 249 -7.49 -10.50 10.07
C HIS A 249 -7.33 -10.90 11.53
N PRO A 250 -6.10 -11.23 11.97
CA PRO A 250 -5.94 -11.76 13.33
C PRO A 250 -6.26 -10.75 14.43
N TYR A 251 -6.23 -9.44 14.16
CA TYR A 251 -6.50 -8.49 15.23
C TYR A 251 -7.14 -7.18 14.74
N PHE A 252 -7.70 -7.15 13.54
CA PHE A 252 -8.37 -5.98 13.03
C PHE A 252 -9.77 -6.36 12.54
N PRO A 253 -10.74 -5.44 12.65
CA PRO A 253 -12.09 -5.75 12.15
C PRO A 253 -12.18 -5.81 10.63
N ASN A 254 -11.15 -5.36 9.91
CA ASN A 254 -11.15 -5.43 8.45
C ASN A 254 -9.71 -5.54 7.96
N LYS A 255 -9.56 -5.66 6.65
CA LYS A 255 -8.25 -5.73 6.00
C LYS A 255 -7.94 -4.46 5.23
N ALA A 256 -8.31 -3.30 5.79
CA ALA A 256 -8.15 -2.03 5.09
C ALA A 256 -6.75 -1.45 5.21
N THR A 257 -6.00 -1.84 6.25
CA THR A 257 -4.63 -1.37 6.39
C THR A 257 -3.60 -2.36 5.84
N SER A 258 -3.99 -3.62 5.66
CA SER A 258 -3.12 -4.68 5.19
C SER A 258 -3.91 -5.99 5.08
N GLY A 259 -3.46 -6.91 4.24
CA GLY A 259 -4.12 -8.20 4.12
C GLY A 259 -4.46 -8.60 2.71
N LEU A 260 -4.22 -7.71 1.75
CA LEU A 260 -4.51 -8.01 0.36
C LEU A 260 -3.41 -8.88 -0.26
N TYR A 261 -3.83 -9.87 -1.04
CA TYR A 261 -2.91 -10.65 -1.86
C TYR A 261 -3.05 -10.19 -3.31
N SER A 262 -1.92 -10.08 -4.00
CA SER A 262 -1.93 -9.56 -5.36
C SER A 262 -0.72 -10.08 -6.11
N SER A 263 -0.56 -9.60 -7.34
CA SER A 263 0.54 -9.97 -8.22
C SER A 263 1.19 -8.71 -8.78
N LEU A 264 2.32 -8.90 -9.46
CA LEU A 264 3.02 -7.77 -10.07
C LEU A 264 2.10 -7.05 -11.06
N ARG A 265 1.43 -7.81 -11.93
CA ARG A 265 0.61 -7.22 -12.99
C ARG A 265 -0.50 -6.36 -12.41
N ASP A 266 -1.11 -6.78 -11.30
CA ASP A 266 -2.21 -6.02 -10.73
C ASP A 266 -1.73 -4.76 -10.04
N ILE A 267 -0.61 -4.84 -9.32
CA ILE A 267 -0.03 -3.64 -8.72
C ILE A 267 0.41 -2.67 -9.81
N TRP A 268 0.90 -3.19 -10.93
CA TRP A 268 1.27 -2.33 -12.04
C TRP A 268 0.06 -1.61 -12.60
N LYS A 269 -1.07 -2.31 -12.72
CA LYS A 269 -2.29 -1.68 -13.23
C LYS A 269 -2.76 -0.57 -12.31
N LEU A 270 -2.65 -0.77 -10.99
CA LEU A 270 -3.07 0.26 -10.05
C LEU A 270 -2.18 1.50 -10.15
N ALA A 271 -0.87 1.31 -10.29
CA ALA A 271 0.03 2.44 -10.45
C ALA A 271 -0.22 3.15 -11.79
N GLU A 272 -0.48 2.38 -12.84
CA GLU A 272 -0.79 2.98 -14.14
C GLU A 272 -2.11 3.73 -14.11
N MET A 273 -3.08 3.25 -13.32
CA MET A 273 -4.33 3.97 -13.17
C MET A 273 -4.10 5.37 -12.60
N PHE A 274 -3.19 5.49 -11.63
CA PHE A 274 -2.88 6.79 -11.07
C PHE A 274 -2.15 7.67 -12.07
N ARG A 275 -1.17 7.11 -12.79
CA ARG A 275 -0.42 7.89 -13.76
C ARG A 275 -1.30 8.39 -14.89
N ASN A 276 -2.30 7.59 -15.28
CA ASN A 276 -3.28 8.03 -16.27
C ASN A 276 -4.45 8.78 -15.64
N LYS A 277 -4.33 9.13 -14.35
CA LYS A 277 -5.29 10.00 -13.66
C LYS A 277 -6.68 9.37 -13.62
N GLY A 278 -6.76 8.14 -13.12
CA GLY A 278 -8.02 7.51 -12.81
C GLY A 278 -8.52 6.50 -13.83
N ARG A 279 -7.84 6.33 -14.96
CA ARG A 279 -8.35 5.48 -16.03
C ARG A 279 -7.29 4.48 -16.47
N LEU A 280 -7.76 3.32 -16.95
CA LEU A 280 -6.91 2.29 -17.54
C LEU A 280 -7.65 1.75 -18.76
N LYS A 281 -7.47 2.44 -19.89
CA LYS A 281 -8.20 2.16 -21.13
C LYS A 281 -9.69 2.34 -20.83
N ASP A 282 -10.53 1.31 -20.98
CA ASP A 282 -11.96 1.46 -20.83
C ASP A 282 -12.41 1.44 -19.37
N LYS A 283 -11.54 1.09 -18.44
CA LYS A 283 -11.91 0.95 -17.03
C LYS A 283 -11.51 2.22 -16.28
N LYS A 284 -12.49 2.85 -15.63
CA LYS A 284 -12.30 4.10 -14.93
C LYS A 284 -12.68 3.93 -13.46
N LEU A 285 -11.74 4.28 -12.57
CA LEU A 285 -11.97 4.22 -11.14
C LEU A 285 -12.19 5.59 -10.50
N LEU A 286 -11.57 6.64 -11.03
CA LEU A 286 -11.67 7.96 -10.46
C LEU A 286 -11.64 9.00 -11.57
N GLY A 287 -12.10 10.21 -11.25
CA GLY A 287 -11.93 11.33 -12.14
C GLY A 287 -10.53 11.91 -12.07
N ARG A 288 -10.12 12.56 -13.16
CA ARG A 288 -8.75 13.06 -13.23
C ARG A 288 -8.49 14.17 -12.22
N LYS A 289 -9.52 14.96 -11.89
CA LYS A 289 -9.34 15.99 -10.87
C LYS A 289 -9.21 15.39 -9.48
N THR A 290 -9.81 14.22 -9.26
CA THR A 290 -9.67 13.54 -7.97
C THR A 290 -8.26 13.02 -7.78
N VAL A 291 -7.69 12.40 -8.81
CA VAL A 291 -6.33 11.87 -8.72
C VAL A 291 -5.33 13.01 -8.54
N GLU A 292 -5.54 14.12 -9.26
CA GLU A 292 -4.66 15.28 -9.08
C GLU A 292 -4.67 15.76 -7.64
N ALA A 293 -5.83 15.71 -6.98
CA ALA A 293 -5.88 16.03 -5.55
C ALA A 293 -5.14 15.00 -4.72
N MET A 294 -5.26 13.71 -5.08
CA MET A 294 -4.58 12.66 -4.33
C MET A 294 -3.06 12.75 -4.47
N LEU A 295 -2.57 13.32 -5.57
CA LEU A 295 -1.15 13.28 -5.88
C LEU A 295 -0.41 14.57 -5.53
N ARG A 296 -1.08 15.55 -4.94
CA ARG A 296 -0.41 16.76 -4.49
C ARG A 296 -0.22 16.71 -2.97
N ASN A 297 0.79 17.42 -2.49
CA ASN A 297 1.13 17.38 -1.08
C ASN A 297 0.01 17.95 -0.23
N GLN A 298 -0.41 17.19 0.79
CA GLN A 298 -1.49 17.59 1.67
C GLN A 298 -1.04 17.88 3.09
N ILE A 299 0.27 17.82 3.36
CA ILE A 299 0.80 17.98 4.71
C ILE A 299 1.22 19.44 4.90
N LYS A 300 0.85 20.00 6.04
CA LYS A 300 1.22 21.36 6.36
C LYS A 300 2.75 21.49 6.41
N PRO A 301 3.30 22.61 5.95
CA PRO A 301 4.77 22.77 5.99
C PRO A 301 5.27 22.90 7.41
N GLY A 302 6.46 22.34 7.65
CA GLY A 302 7.08 22.38 8.96
C GLY A 302 6.65 21.28 9.91
N LEU A 303 5.67 20.46 9.54
CA LEU A 303 5.23 19.40 10.42
C LEU A 303 6.31 18.33 10.55
N PRO A 304 6.63 17.87 11.75
CA PRO A 304 7.61 16.79 11.90
C PRO A 304 7.03 15.46 11.43
N PHE A 305 7.90 14.64 10.86
CA PHE A 305 7.52 13.34 10.32
C PHE A 305 8.09 12.25 11.21
N TYR A 306 7.25 11.28 11.56
CA TYR A 306 7.65 10.15 12.39
C TYR A 306 7.21 8.85 11.74
N PHE A 307 8.01 7.80 11.97
CA PHE A 307 7.69 6.47 11.46
C PHE A 307 8.15 5.45 12.50
N PHE A 308 7.18 4.75 13.10
CA PHE A 308 7.45 3.74 14.12
C PHE A 308 8.23 4.34 15.31
N GLY A 309 7.84 5.55 15.70
CA GLY A 309 8.48 6.21 16.82
C GLY A 309 9.74 6.95 16.44
N ALA A 310 10.43 6.49 15.40
CA ALA A 310 11.65 7.13 14.94
C ALA A 310 11.32 8.19 13.91
N PRO A 311 11.87 9.40 14.03
CA PRO A 311 11.61 10.44 13.03
C PRO A 311 12.33 10.15 11.72
N ARG A 312 11.65 10.44 10.62
CA ARG A 312 12.19 10.28 9.28
C ARG A 312 12.28 11.64 8.60
N GLU A 313 12.85 11.65 7.39
CA GLU A 313 13.00 12.89 6.66
C GLU A 313 11.66 13.37 6.12
N GLU A 314 11.43 14.68 6.19
CA GLU A 314 10.18 15.24 5.71
C GLU A 314 10.04 15.06 4.21
N GLY A 315 8.82 14.77 3.77
CA GLY A 315 8.55 14.57 2.36
C GLY A 315 7.08 14.76 2.07
N GLY A 316 6.78 14.99 0.80
CA GLY A 316 5.40 15.20 0.41
C GLY A 316 4.57 13.93 0.59
N PHE A 317 3.31 14.13 0.97
CA PHE A 317 2.36 13.03 1.10
C PHE A 317 0.99 13.49 0.64
N GLY A 318 0.35 12.72 -0.22
CA GLY A 318 -0.94 13.04 -0.77
C GLY A 318 -2.08 12.48 0.04
N LEU A 319 -3.16 12.14 -0.67
CA LEU A 319 -4.35 11.56 -0.04
C LEU A 319 -4.17 10.04 0.00
N GLY A 320 -3.35 9.59 0.94
CA GLY A 320 -3.02 8.19 1.05
C GLY A 320 -1.94 7.72 0.11
N ILE A 321 -1.35 8.61 -0.68
CA ILE A 321 -0.28 8.29 -1.62
C ILE A 321 0.97 9.03 -1.19
N ASN A 322 2.10 8.34 -1.20
CA ASN A 322 3.37 8.93 -0.81
C ASN A 322 4.02 9.63 -1.99
N LEU A 323 4.53 10.84 -1.74
CA LEU A 323 5.25 11.62 -2.74
C LEU A 323 6.75 11.65 -2.46
N TRP A 324 7.22 10.81 -1.54
CA TRP A 324 8.62 10.71 -1.14
C TRP A 324 9.02 9.24 -1.17
N PRO A 325 10.24 8.92 -1.59
CA PRO A 325 11.29 9.84 -2.06
C PRO A 325 11.13 10.26 -3.51
N ALA A 326 11.57 11.49 -3.80
CA ALA A 326 11.54 12.05 -5.15
C ALA A 326 12.38 13.31 -5.15
N GLY A 327 13.00 13.59 -6.30
CA GLY A 327 13.87 14.74 -6.39
C GLY A 327 15.06 14.60 -5.45
N ASP A 328 15.60 15.75 -5.05
CA ASP A 328 16.74 15.85 -4.13
C ASP A 328 17.88 15.00 -4.70
N HIS A 329 18.52 14.15 -3.91
CA HIS A 329 19.59 13.29 -4.41
C HIS A 329 19.09 12.02 -5.06
N TYR A 330 17.79 11.73 -4.95
CA TYR A 330 17.23 10.56 -5.62
C TYR A 330 17.17 10.80 -7.13
N PHE A 331 17.15 9.71 -7.88
CA PHE A 331 17.08 9.80 -9.33
C PHE A 331 15.65 10.00 -9.83
N MET A 332 14.65 9.65 -9.03
CA MET A 332 13.26 9.81 -9.43
C MET A 332 12.91 11.29 -9.56
N THR A 333 12.23 11.64 -10.65
CA THR A 333 11.82 13.02 -10.87
C THR A 333 10.85 13.47 -9.79
N GLU A 334 10.87 14.77 -9.51
CA GLU A 334 9.86 15.37 -8.65
C GLU A 334 8.47 15.10 -9.22
N GLY A 335 7.54 14.75 -8.35
CA GLY A 335 6.22 14.32 -8.76
C GLY A 335 6.05 12.82 -8.82
N THR A 336 7.13 12.05 -8.66
CA THR A 336 7.02 10.60 -8.58
C THR A 336 6.26 10.22 -7.32
N PHE A 337 5.14 9.53 -7.49
CA PHE A 337 4.38 9.01 -6.36
C PHE A 337 4.69 7.53 -6.16
N SER A 338 4.42 7.05 -4.96
CA SER A 338 4.86 5.71 -4.59
C SER A 338 4.13 5.25 -3.34
N HIS A 339 4.38 4.01 -2.97
CA HIS A 339 3.98 3.42 -1.70
C HIS A 339 4.71 2.11 -1.52
N LEU A 340 5.20 1.86 -0.32
CA LEU A 340 5.88 0.62 0.02
C LEU A 340 4.98 -0.23 0.90
N GLY A 341 5.38 -1.49 1.06
CA GLY A 341 4.69 -2.39 1.95
C GLY A 341 5.63 -3.44 2.53
N MET A 342 5.47 -3.74 3.81
CA MET A 342 6.26 -4.81 4.41
C MET A 342 5.98 -6.12 3.67
N GLY A 343 7.04 -6.87 3.39
CA GLY A 343 6.92 -8.00 2.49
C GLY A 343 8.23 -8.53 1.95
N TRP A 344 8.98 -7.75 1.17
CA TRP A 344 8.60 -6.36 0.86
C TRP A 344 8.13 -6.21 -0.59
N CYS A 345 7.47 -5.09 -0.86
CA CYS A 345 6.97 -4.79 -2.20
C CYS A 345 6.83 -3.27 -2.31
N GLY A 346 6.64 -2.80 -3.54
CA GLY A 346 6.49 -1.39 -3.76
C GLY A 346 6.05 -1.08 -5.18
N MET A 347 5.53 0.13 -5.35
CA MET A 347 5.16 0.65 -6.66
C MET A 347 5.64 2.08 -6.77
N PHE A 348 6.32 2.39 -7.87
CA PHE A 348 6.87 3.73 -8.11
C PHE A 348 6.51 4.13 -9.54
N SER A 349 5.85 5.28 -9.68
CA SER A 349 5.46 5.77 -10.99
C SER A 349 5.92 7.21 -11.16
N ASP A 350 6.65 7.48 -12.24
CA ASP A 350 7.19 8.79 -12.55
C ASP A 350 6.37 9.43 -13.65
N PRO A 351 5.45 10.34 -13.34
CA PRO A 351 4.61 10.92 -14.41
C PRO A 351 5.40 11.68 -15.46
N ALA A 352 6.49 12.35 -15.06
CA ALA A 352 7.26 13.14 -16.02
C ALA A 352 7.94 12.25 -17.05
N GLU A 353 8.23 11.00 -16.70
CA GLU A 353 8.88 10.07 -17.62
C GLU A 353 7.93 9.01 -18.15
N ASP A 354 6.65 9.06 -17.78
CA ASP A 354 5.67 8.04 -18.17
C ASP A 354 6.13 6.65 -17.76
N PHE A 355 6.84 6.57 -16.65
CA PHE A 355 7.55 5.38 -16.21
C PHE A 355 6.92 4.83 -14.94
N THR A 356 6.82 3.50 -14.86
CA THR A 356 6.29 2.83 -13.68
C THR A 356 7.16 1.63 -13.36
N TYR A 357 7.41 1.40 -12.07
CA TYR A 357 8.20 0.27 -11.60
C TYR A 357 7.53 -0.33 -10.37
N VAL A 358 7.25 -1.63 -10.44
CA VAL A 358 6.72 -2.38 -9.31
C VAL A 358 7.61 -3.60 -9.08
N PHE A 359 7.68 -4.06 -7.84
CA PHE A 359 8.59 -5.15 -7.52
C PHE A 359 8.06 -5.94 -6.33
N PHE A 360 8.45 -7.22 -6.29
CA PHE A 360 8.26 -8.08 -5.13
C PHE A 360 9.63 -8.55 -4.68
N THR A 361 10.01 -8.22 -3.45
CA THR A 361 11.25 -8.70 -2.84
C THR A 361 10.90 -9.32 -1.50
N PRO A 362 10.38 -10.55 -1.50
CA PRO A 362 9.98 -11.19 -0.24
C PRO A 362 11.15 -11.35 0.71
N ILE A 363 11.03 -10.73 1.88
CA ILE A 363 12.11 -10.66 2.86
C ILE A 363 11.48 -10.34 4.20
N SER A 364 12.03 -10.91 5.27
CA SER A 364 11.46 -10.71 6.60
C SER A 364 11.99 -9.45 7.26
N GLU A 365 13.30 -9.24 7.21
CA GLU A 365 13.91 -8.03 7.72
C GLU A 365 14.05 -7.00 6.61
N PHE A 366 14.15 -5.73 7.02
CA PHE A 366 14.31 -4.65 6.06
C PHE A 366 15.78 -4.34 5.84
N HIS A 367 16.11 -4.07 4.58
CA HIS A 367 17.46 -3.69 4.18
C HIS A 367 17.37 -2.70 3.03
N PRO A 368 17.80 -1.45 3.21
CA PRO A 368 17.70 -0.48 2.11
C PRO A 368 18.47 -0.89 0.86
N HIS A 369 19.53 -1.68 1.01
CA HIS A 369 20.28 -2.14 -0.15
C HIS A 369 19.50 -3.16 -0.97
N ALA A 370 18.48 -3.79 -0.39
CA ALA A 370 17.69 -4.79 -1.08
C ALA A 370 16.36 -4.26 -1.60
N VAL A 371 15.83 -3.19 -1.02
CA VAL A 371 14.53 -2.66 -1.38
C VAL A 371 14.64 -1.28 -2.02
N LEU A 372 15.57 -0.44 -1.54
CA LEU A 372 15.68 0.94 -2.01
C LEU A 372 16.76 1.12 -3.07
N THR A 373 17.88 0.39 -2.98
CA THR A 373 18.96 0.57 -3.93
C THR A 373 18.57 0.27 -5.39
N PRO A 374 17.77 -0.77 -5.70
CA PRO A 374 17.40 -0.98 -7.11
C PRO A 374 16.71 0.21 -7.77
N LEU A 375 16.12 1.12 -6.99
CA LEU A 375 15.51 2.30 -7.60
C LEU A 375 16.55 3.17 -8.31
N ASN A 376 17.76 3.26 -7.74
CA ASN A 376 18.84 3.98 -8.41
C ASN A 376 19.23 3.29 -9.71
N ILE A 377 19.27 1.95 -9.70
CA ILE A 377 19.64 1.21 -10.90
C ILE A 377 18.61 1.39 -12.00
N VAL A 378 17.33 1.40 -11.64
CA VAL A 378 16.27 1.46 -12.64
C VAL A 378 16.23 2.83 -13.30
N TRP A 379 16.18 3.89 -12.48
CA TRP A 379 16.04 5.24 -13.04
C TRP A 379 17.29 5.71 -13.76
N ALA A 380 18.45 5.12 -13.47
CA ALA A 380 19.66 5.44 -14.22
C ALA A 380 19.61 4.93 -15.66
N GLY A 381 18.68 4.03 -15.97
CA GLY A 381 18.52 3.53 -17.32
C GLY A 381 17.52 4.29 -18.18
N ILE A 382 16.76 5.19 -17.57
CA ILE A 382 15.77 5.96 -18.31
C ILE A 382 16.46 6.91 -19.26
N GLU A 383 16.11 6.84 -20.53
CA GLU A 383 16.63 7.73 -21.55
C GLU A 383 15.53 8.66 -22.03
N LEU A 384 15.92 9.61 -22.88
CA LEU A 384 14.98 10.62 -23.36
C LEU A 384 13.90 9.98 -24.23
N GLU A 385 12.72 10.61 -24.24
CA GLU A 385 11.58 10.17 -25.03
C GLU A 385 11.07 8.81 -24.57
#